data_2JC6
#
_entry.id   2JC6
#
_cell.length_a   39.640
_cell.length_b   93.060
_cell.length_c   101.860
_cell.angle_alpha   90.00
_cell.angle_beta   96.16
_cell.angle_gamma   90.00
#
_symmetry.space_group_name_H-M   'P 1 21 1'
#
loop_
_entity.id
_entity.type
_entity.pdbx_description
1 polymer 'CALCIUM/CALMODULIN-DEPENDENT PROTEIN KINASE TYPE 1D'
2 non-polymer N-(5-METHYL-1H-PYRAZOL-3-YL)-2-PHENYLQUINAZOLIN-4-AMINE
3 water water
#
_entity_poly.entity_id   1
_entity_poly.type   'polypeptide(L)'
_entity_poly.pdbx_seq_one_letter_code
;SMARENGESSSSWKKQAEDIKKIFEFKETLGTGAFSEVVLAEEKATGKLFAVKCIPKKALKGKESSIENEIAVLRKIKHE
NIVALEDIYESPNHLYLVMQLVSGGELFDRIVEKGFYTEKDASTLIRQVLDAVYYLHRMGIVHRDLKPENLLYYSQDEES
KIMISDFGLSKMEGKGDVMSTACGTPGYVAPEVLAQKPYSKAVDCWSIGVIAYILLCGYPPFYDENDSKLFEQILKAEYE
FDSPYWDDISDSAKDFIRNLMEKDPNKRYTCEQAARHPWIAGDTALNKNIHESVSAQIRKNFAKSKWRQAFNATAVVRHM
RKLHLGSSLDSSNA
;
_entity_poly.pdbx_strand_id   A,C
#
loop_
_chem_comp.id
_chem_comp.type
_chem_comp.name
_chem_comp.formula
QPP non-polymer N-(5-METHYL-1H-PYRAZOL-3-YL)-2-PHENYLQUINAZOLIN-4-AMINE 'C18 H15 N5'
#
# COMPACT_ATOMS: atom_id res chain seq x y z
N SER A 12 -1.18 12.17 -6.39
CA SER A 12 -1.42 11.32 -7.59
C SER A 12 -0.64 9.97 -7.59
N TRP A 13 -0.17 9.53 -6.40
CA TRP A 13 0.60 8.28 -6.27
C TRP A 13 -0.20 7.13 -5.67
N LYS A 14 -0.01 5.93 -6.23
CA LYS A 14 -0.72 4.76 -5.79
C LYS A 14 0.20 3.55 -5.74
N LYS A 15 -0.27 2.47 -5.12
CA LYS A 15 0.30 1.14 -5.33
C LYS A 15 -0.76 0.07 -5.44
N GLN A 16 -0.43 -0.99 -6.18
CA GLN A 16 -1.30 -2.17 -6.33
C GLN A 16 -1.56 -2.81 -4.97
N ALA A 17 -2.83 -3.00 -4.63
CA ALA A 17 -3.21 -3.66 -3.36
C ALA A 17 -3.99 -4.93 -3.69
N GLU A 18 -4.40 -5.66 -2.66
CA GLU A 18 -5.34 -6.77 -2.87
C GLU A 18 -6.75 -6.26 -2.69
N ASP A 19 -7.72 -7.12 -2.98
CA ASP A 19 -9.11 -6.86 -2.65
C ASP A 19 -9.22 -6.52 -1.16
N ILE A 20 -9.82 -5.37 -0.83
CA ILE A 20 -10.02 -4.98 0.58
C ILE A 20 -10.73 -6.09 1.42
N LYS A 21 -11.59 -6.88 0.76
CA LYS A 21 -12.25 -8.04 1.38
C LYS A 21 -11.26 -9.16 1.78
N LYS A 22 -10.09 -9.19 1.16
CA LYS A 22 -9.04 -10.16 1.49
C LYS A 22 -8.15 -9.63 2.64
N ILE A 23 -8.13 -8.31 2.81
CA ILE A 23 -7.33 -7.64 3.84
C ILE A 23 -8.13 -7.45 5.13
N PHE A 24 -9.42 -7.16 4.99
CA PHE A 24 -10.32 -6.91 6.12
C PHE A 24 -11.53 -7.85 6.08
N GLU A 25 -12.00 -8.26 7.26
CA GLU A 25 -13.31 -8.91 7.43
C GLU A 25 -14.31 -7.83 7.73
N PHE A 26 -15.27 -7.62 6.83
CA PHE A 26 -16.35 -6.66 7.06
C PHE A 26 -17.39 -7.32 7.95
N LYS A 27 -17.61 -6.70 9.10
CA LYS A 27 -18.56 -7.16 10.09
C LYS A 27 -19.84 -6.29 9.92
N GLU A 28 -20.37 -5.73 10.99
CA GLU A 28 -21.60 -4.96 10.90
C GLU A 28 -21.46 -3.56 10.26
N THR A 29 -22.55 -3.13 9.65
CA THR A 29 -22.72 -1.73 9.22
C THR A 29 -22.93 -0.88 10.47
N LEU A 30 -22.11 0.16 10.64
CA LEU A 30 -22.32 1.15 11.73
C LEU A 30 -23.35 2.25 11.39
N GLY A 31 -23.39 2.64 10.12
CA GLY A 31 -24.28 3.70 9.66
C GLY A 31 -24.31 3.81 8.15
N THR A 32 -25.35 4.48 7.63
CA THR A 32 -25.61 4.54 6.20
C THR A 32 -26.09 5.94 5.87
N GLY A 33 -25.50 6.53 4.82
CA GLY A 33 -25.74 7.92 4.46
C GLY A 33 -26.38 8.02 3.10
N ALA A 34 -26.71 9.26 2.72
CA ALA A 34 -27.25 9.56 1.41
C ALA A 34 -26.50 8.84 0.30
N PHE A 35 -25.17 8.90 0.35
CA PHE A 35 -24.32 8.35 -0.72
C PHE A 35 -23.30 7.29 -0.25
N SER A 36 -23.13 7.10 1.06
CA SER A 36 -22.08 6.19 1.55
C SER A 36 -22.51 5.34 2.75
N GLU A 37 -21.61 4.49 3.21
CA GLU A 37 -21.89 3.58 4.30
C GLU A 37 -20.60 3.36 5.06
N VAL A 38 -20.71 3.25 6.38
CA VAL A 38 -19.58 2.96 7.27
C VAL A 38 -19.78 1.61 7.94
N VAL A 39 -18.76 0.76 7.82
CA VAL A 39 -18.81 -0.63 8.28
C VAL A 39 -17.69 -0.87 9.30
N LEU A 40 -17.95 -1.71 10.31
CA LEU A 40 -16.91 -2.15 11.22
C LEU A 40 -16.12 -3.25 10.49
N ALA A 41 -14.80 -3.14 10.52
CA ALA A 41 -13.93 -4.01 9.74
C ALA A 41 -12.81 -4.50 10.62
N GLU A 42 -12.55 -5.81 10.58
CA GLU A 42 -11.44 -6.43 11.30
C GLU A 42 -10.29 -6.71 10.35
N GLU A 43 -9.12 -6.12 10.63
CA GLU A 43 -7.91 -6.44 9.85
C GLU A 43 -7.45 -7.88 10.15
N LYS A 44 -7.52 -8.75 9.13
CA LYS A 44 -7.32 -10.19 9.29
C LYS A 44 -5.94 -10.59 9.85
N ALA A 45 -4.90 -9.84 9.49
CA ALA A 45 -3.55 -10.13 9.92
C ALA A 45 -3.32 -9.85 11.41
N THR A 46 -4.05 -8.89 11.95
CA THR A 46 -3.82 -8.37 13.30
C THR A 46 -5.01 -8.50 14.27
N GLY A 47 -6.22 -8.74 13.76
CA GLY A 47 -7.42 -8.70 14.61
C GLY A 47 -7.88 -7.30 15.04
N LYS A 48 -7.12 -6.28 14.64
CA LYS A 48 -7.43 -4.90 15.00
C LYS A 48 -8.60 -4.35 14.18
N LEU A 49 -9.38 -3.48 14.82
CA LEU A 49 -10.66 -3.00 14.30
C LEU A 49 -10.57 -1.57 13.78
N PHE A 50 -11.29 -1.32 12.70
CA PHE A 50 -11.31 -0.05 12.01
C PHE A 50 -12.73 0.23 11.63
N ALA A 51 -13.06 1.49 11.42
CA ALA A 51 -14.32 1.90 10.76
C ALA A 51 -13.97 2.20 9.28
N VAL A 52 -14.66 1.55 8.34
CA VAL A 52 -14.36 1.70 6.92
C VAL A 52 -15.52 2.39 6.22
N LYS A 53 -15.28 3.59 5.68
CA LYS A 53 -16.27 4.33 4.87
C LYS A 53 -16.25 3.89 3.40
N CYS A 54 -17.34 3.30 2.93
CA CYS A 54 -17.45 2.78 1.56
C CYS A 54 -18.26 3.73 0.66
N ILE A 55 -17.61 4.20 -0.42
CA ILE A 55 -18.19 5.24 -1.27
C ILE A 55 -18.23 4.78 -2.71
N PRO A 56 -19.45 4.64 -3.28
CA PRO A 56 -19.46 4.30 -4.70
C PRO A 56 -18.87 5.46 -5.49
N LYS A 57 -18.05 5.11 -6.48
CA LYS A 57 -17.45 6.11 -7.36
C LYS A 57 -18.50 6.84 -8.19
N LYS A 58 -19.59 6.13 -8.54
CA LYS A 58 -20.70 6.71 -9.32
C LYS A 58 -21.35 7.95 -8.70
N ALA A 59 -20.97 8.27 -7.45
CA ALA A 59 -21.48 9.44 -6.73
C ALA A 59 -20.63 10.66 -7.08
N SER A 65 -10.38 13.36 -8.96
CA SER A 65 -9.97 14.71 -8.59
C SER A 65 -10.94 15.33 -7.59
N SER A 66 -10.50 16.39 -6.92
CA SER A 66 -11.29 17.13 -5.92
C SER A 66 -11.50 16.31 -4.64
N ILE A 67 -12.20 15.18 -4.75
CA ILE A 67 -12.27 14.20 -3.65
C ILE A 67 -10.96 13.42 -3.58
N GLU A 68 -10.37 13.13 -4.73
CA GLU A 68 -9.06 12.48 -4.78
C GLU A 68 -7.93 13.35 -4.21
N ASN A 69 -8.05 14.67 -4.39
CA ASN A 69 -7.07 15.62 -3.85
C ASN A 69 -7.32 15.91 -2.36
N GLU A 70 -8.60 16.01 -2.01
CA GLU A 70 -9.03 16.23 -0.64
C GLU A 70 -8.57 15.11 0.27
N ILE A 71 -8.85 13.87 -0.14
CA ILE A 71 -8.59 12.67 0.70
C ILE A 71 -7.10 12.39 0.90
N ALA A 72 -6.27 12.77 -0.07
CA ALA A 72 -4.82 12.70 0.07
C ALA A 72 -4.28 13.57 1.22
N VAL A 73 -4.89 14.74 1.42
CA VAL A 73 -4.53 15.64 2.51
C VAL A 73 -4.84 15.02 3.87
N LEU A 74 -6.00 14.37 3.99
CA LEU A 74 -6.41 13.70 5.25
C LEU A 74 -5.44 12.61 5.71
N ARG A 75 -4.86 11.91 4.72
CA ARG A 75 -3.86 10.85 4.95
C ARG A 75 -2.63 11.39 5.70
N LYS A 76 -2.31 12.68 5.46
CA LYS A 76 -1.18 13.34 6.10
C LYS A 76 -1.44 13.68 7.57
N ILE A 77 -2.71 13.80 7.95
CA ILE A 77 -3.08 14.30 9.28
C ILE A 77 -2.84 13.22 10.34
N LYS A 78 -1.86 13.45 11.21
CA LYS A 78 -1.60 12.57 12.36
C LYS A 78 -1.57 13.38 13.69
N HIS A 79 -2.64 13.25 14.48
CA HIS A 79 -2.74 13.91 15.76
C HIS A 79 -3.57 13.09 16.76
N GLU A 80 -3.27 13.19 18.05
CA GLU A 80 -3.92 12.35 19.04
C GLU A 80 -5.42 12.58 19.22
N ASN A 81 -5.86 13.81 18.95
CA ASN A 81 -7.27 14.18 19.04
C ASN A 81 -7.99 14.29 17.69
N ILE A 82 -7.44 13.68 16.65
CA ILE A 82 -8.09 13.65 15.34
C ILE A 82 -8.14 12.19 14.87
N VAL A 83 -9.33 11.74 14.45
CA VAL A 83 -9.50 10.37 13.97
C VAL A 83 -8.62 10.20 12.74
N ALA A 84 -7.73 9.22 12.77
CA ALA A 84 -6.73 9.01 11.74
C ALA A 84 -7.35 8.33 10.54
N LEU A 85 -6.90 8.73 9.34
CA LEU A 85 -7.23 8.04 8.10
C LEU A 85 -6.02 7.15 7.85
N GLU A 86 -6.19 5.85 8.07
CA GLU A 86 -5.06 4.92 8.00
C GLU A 86 -4.74 4.48 6.58
N ASP A 87 -5.74 4.43 5.69
CA ASP A 87 -5.53 4.03 4.28
C ASP A 87 -6.73 4.34 3.44
N ILE A 88 -6.48 4.50 2.13
CA ILE A 88 -7.54 4.60 1.11
C ILE A 88 -7.34 3.52 0.04
N TYR A 89 -8.31 2.62 -0.11
CA TYR A 89 -8.30 1.65 -1.21
C TYR A 89 -9.22 2.10 -2.35
N GLU A 90 -8.98 1.57 -3.54
CA GLU A 90 -9.83 1.81 -4.72
C GLU A 90 -10.05 0.54 -5.51
N SER A 91 -11.31 0.32 -5.89
CA SER A 91 -11.69 -0.64 -6.94
C SER A 91 -12.15 0.20 -8.13
N PRO A 92 -12.47 -0.46 -9.25
CA PRO A 92 -13.10 0.30 -10.33
C PRO A 92 -14.36 1.05 -9.90
N ASN A 93 -15.13 0.47 -9.00
CA ASN A 93 -16.43 1.04 -8.61
C ASN A 93 -16.49 1.82 -7.28
N HIS A 94 -15.51 1.66 -6.40
CA HIS A 94 -15.64 2.25 -5.05
C HIS A 94 -14.36 2.82 -4.46
N LEU A 95 -14.53 3.75 -3.51
CA LEU A 95 -13.44 4.17 -2.61
C LEU A 95 -13.70 3.62 -1.20
N TYR A 96 -12.61 3.29 -0.49
CA TYR A 96 -12.69 2.81 0.88
C TYR A 96 -11.76 3.60 1.77
N LEU A 97 -12.32 4.30 2.75
CA LEU A 97 -11.52 5.02 3.73
C LEU A 97 -11.41 4.16 4.99
N VAL A 98 -10.21 3.69 5.30
CA VAL A 98 -10.00 2.91 6.52
C VAL A 98 -9.68 3.90 7.65
N MET A 99 -10.64 4.11 8.54
CA MET A 99 -10.50 5.10 9.59
C MET A 99 -10.27 4.44 10.91
N GLN A 100 -9.63 5.21 11.79
CA GLN A 100 -9.38 4.78 13.15
C GLN A 100 -10.76 4.61 13.83
N LEU A 101 -10.97 3.47 14.48
CA LEU A 101 -12.15 3.24 15.28
C LEU A 101 -12.09 3.96 16.64
N VAL A 102 -13.13 4.75 16.95
CA VAL A 102 -13.32 5.29 18.30
C VAL A 102 -14.63 4.74 18.83
N SER A 103 -14.69 4.43 20.12
CA SER A 103 -15.87 3.74 20.65
C SER A 103 -16.47 4.36 21.94
N GLY A 104 -16.16 5.61 22.19
CA GLY A 104 -16.58 6.29 23.40
C GLY A 104 -17.90 7.04 23.33
N GLY A 105 -18.48 7.13 22.14
CA GLY A 105 -19.75 7.82 21.94
C GLY A 105 -19.58 9.31 21.70
N GLU A 106 -20.72 9.97 21.60
CA GLU A 106 -20.81 11.37 21.26
C GLU A 106 -20.67 12.23 22.51
N LEU A 107 -19.99 13.37 22.35
CA LEU A 107 -19.80 14.32 23.42
C LEU A 107 -21.09 14.64 24.18
N PHE A 108 -22.14 15.04 23.46
CA PHE A 108 -23.39 15.47 24.08
C PHE A 108 -24.05 14.37 24.93
N ASP A 109 -23.97 13.10 24.52
CA ASP A 109 -24.54 12.00 25.31
C ASP A 109 -23.78 11.84 26.61
N ARG A 110 -22.47 11.98 26.54
CA ARG A 110 -21.64 11.88 27.72
C ARG A 110 -21.91 12.93 28.76
N ILE A 111 -21.90 14.20 28.34
CA ILE A 111 -22.18 15.30 29.26
C ILE A 111 -23.54 15.06 29.96
N VAL A 112 -24.59 14.76 29.19
CA VAL A 112 -25.96 14.52 29.74
C VAL A 112 -25.99 13.40 30.82
N GLU A 113 -25.27 12.31 30.58
CA GLU A 113 -25.26 11.19 31.50
C GLU A 113 -24.25 11.34 32.63
N LYS A 114 -23.52 12.46 32.63
CA LYS A 114 -22.28 12.60 33.40
C LYS A 114 -22.44 12.65 34.92
N GLY A 115 -23.49 13.30 35.44
CA GLY A 115 -23.64 13.38 36.92
C GLY A 115 -23.01 14.62 37.56
N PHE A 116 -21.77 14.95 37.15
CA PHE A 116 -21.09 16.17 37.56
C PHE A 116 -20.36 16.79 36.37
N TYR A 117 -20.50 18.10 36.16
CA TYR A 117 -19.91 18.78 35.01
C TYR A 117 -19.64 20.23 35.35
N THR A 118 -18.45 20.69 34.98
CA THR A 118 -17.94 21.97 35.48
C THR A 118 -17.24 22.75 34.36
N GLU A 119 -16.80 23.97 34.65
CA GLU A 119 -15.98 24.73 33.70
C GLU A 119 -14.64 24.08 33.36
N LYS A 120 -14.01 23.41 34.32
CA LYS A 120 -12.76 22.69 34.08
C LYS A 120 -12.91 21.54 33.08
N ASP A 121 -14.05 20.86 33.11
CA ASP A 121 -14.37 19.82 32.15
C ASP A 121 -14.55 20.43 30.75
N ALA A 122 -15.24 21.56 30.66
CA ALA A 122 -15.38 22.26 29.37
C ALA A 122 -14.02 22.72 28.83
N SER A 123 -13.20 23.28 29.72
CA SER A 123 -11.90 23.81 29.36
C SER A 123 -10.90 22.71 28.94
N THR A 124 -10.97 21.56 29.63
CA THR A 124 -10.23 20.34 29.24
C THR A 124 -10.56 19.85 27.81
N LEU A 125 -11.84 19.95 27.43
CA LEU A 125 -12.31 19.59 26.11
C LEU A 125 -11.87 20.61 25.06
N ILE A 126 -12.02 21.89 25.38
CA ILE A 126 -11.57 22.95 24.48
C ILE A 126 -10.05 22.98 24.26
N ARG A 127 -9.28 22.67 25.29
CA ARG A 127 -7.82 22.53 25.18
C ARG A 127 -7.40 21.45 24.21
N GLN A 128 -8.07 20.31 24.20
CA GLN A 128 -7.72 19.25 23.24
C GLN A 128 -8.07 19.63 21.79
N VAL A 129 -9.20 20.30 21.62
CA VAL A 129 -9.66 20.78 20.31
C VAL A 129 -8.67 21.82 19.75
N LEU A 130 -8.30 22.81 20.56
CA LEU A 130 -7.32 23.84 20.18
C LEU A 130 -5.98 23.23 19.71
N ASP A 131 -5.56 22.18 20.39
CA ASP A 131 -4.35 21.44 20.03
C ASP A 131 -4.50 20.79 18.67
N ALA A 132 -5.61 20.06 18.48
CA ALA A 132 -5.90 19.43 17.21
C ALA A 132 -5.94 20.48 16.08
N VAL A 133 -6.72 21.54 16.28
CA VAL A 133 -6.91 22.59 15.26
C VAL A 133 -5.65 23.40 15.01
N TYR A 134 -4.86 23.65 16.06
CA TYR A 134 -3.59 24.32 15.88
C TYR A 134 -2.60 23.47 15.06
N TYR A 135 -2.63 22.15 15.23
CA TYR A 135 -1.87 21.25 14.37
C TYR A 135 -2.32 21.32 12.90
N LEU A 136 -3.62 21.30 12.65
CA LEU A 136 -4.16 21.42 11.28
C LEU A 136 -3.72 22.72 10.60
N HIS A 137 -3.76 23.79 11.37
CA HIS A 137 -3.41 25.11 10.90
C HIS A 137 -1.93 25.19 10.50
N ARG A 138 -1.05 24.63 11.33
CA ARG A 138 0.41 24.60 11.04
C ARG A 138 0.70 23.78 9.79
N MET A 139 -0.09 22.74 9.62
CA MET A 139 -0.03 21.88 8.46
C MET A 139 -0.68 22.53 7.23
N GLY A 140 -1.30 23.70 7.39
CA GLY A 140 -1.94 24.43 6.27
C GLY A 140 -3.38 24.03 5.97
N ILE A 141 -4.05 23.38 6.93
CA ILE A 141 -5.41 22.86 6.74
C ILE A 141 -6.46 23.66 7.53
N VAL A 142 -7.50 24.15 6.88
CA VAL A 142 -8.68 24.72 7.54
C VAL A 142 -9.76 23.64 7.57
N HIS A 143 -10.32 23.35 8.75
CA HIS A 143 -11.35 22.34 8.89
C HIS A 143 -12.65 22.79 8.23
N ARG A 144 -13.07 24.01 8.57
CA ARG A 144 -14.26 24.68 8.01
C ARG A 144 -15.59 24.15 8.50
N ASP A 145 -15.56 23.06 9.27
CA ASP A 145 -16.80 22.38 9.65
C ASP A 145 -16.74 21.89 11.10
N LEU A 146 -16.04 22.68 11.96
CA LEU A 146 -15.93 22.33 13.38
C LEU A 146 -17.24 22.57 14.13
N LYS A 147 -17.71 21.54 14.84
CA LYS A 147 -18.98 21.57 15.55
C LYS A 147 -19.05 20.39 16.49
N PRO A 148 -19.70 20.59 17.66
CA PRO A 148 -19.69 19.63 18.78
C PRO A 148 -20.30 18.27 18.49
N GLU A 149 -21.15 18.18 17.48
CA GLU A 149 -21.74 16.90 17.07
C GLU A 149 -20.78 15.94 16.47
N ASN A 150 -19.63 16.41 15.99
CA ASN A 150 -18.63 15.54 15.40
C ASN A 150 -17.44 15.39 16.33
N LEU A 151 -17.68 15.61 17.62
CA LEU A 151 -16.69 15.38 18.66
C LEU A 151 -17.05 14.04 19.32
N LEU A 152 -16.17 13.08 19.21
CA LEU A 152 -16.45 11.75 19.73
C LEU A 152 -15.37 11.39 20.74
N TYR A 153 -15.76 10.68 21.80
CA TYR A 153 -14.76 10.10 22.70
C TYR A 153 -14.10 8.85 22.10
N TYR A 154 -12.79 8.81 22.28
CA TYR A 154 -11.96 7.70 21.89
C TYR A 154 -12.44 6.36 22.47
N SER A 155 -12.70 6.35 23.77
CA SER A 155 -13.18 5.17 24.45
C SER A 155 -14.26 5.52 25.48
N GLN A 156 -14.85 4.50 26.05
CA GLN A 156 -15.86 4.59 27.11
C GLN A 156 -15.28 5.01 28.47
N ASP A 157 -13.97 5.07 28.60
CA ASP A 157 -13.36 5.43 29.85
C ASP A 157 -13.80 6.84 30.20
N GLU A 158 -14.12 7.03 31.49
CA GLU A 158 -14.52 8.33 32.05
C GLU A 158 -13.57 9.45 31.70
N GLU A 159 -12.27 9.14 31.68
CA GLU A 159 -11.22 10.10 31.41
C GLU A 159 -10.73 10.08 29.96
N SER A 160 -11.52 9.51 29.05
CA SER A 160 -11.16 9.46 27.63
C SER A 160 -10.87 10.81 27.00
N LYS A 161 -9.93 10.85 26.09
CA LYS A 161 -9.69 12.01 25.23
C LYS A 161 -10.85 12.19 24.24
N ILE A 162 -10.99 13.43 23.78
CA ILE A 162 -11.97 13.80 22.76
C ILE A 162 -11.33 13.75 21.35
N MET A 163 -12.12 13.39 20.36
CA MET A 163 -11.62 13.20 18.99
C MET A 163 -12.48 13.95 17.99
N ILE A 164 -11.82 14.63 17.05
CA ILE A 164 -12.50 15.30 15.94
C ILE A 164 -12.65 14.27 14.84
N SER A 165 -13.90 14.01 14.43
CA SER A 165 -14.23 12.94 13.46
C SER A 165 -14.82 13.41 12.11
N PRO A 186 -25.10 25.63 10.00
CA PRO A 186 -25.44 26.97 9.51
C PRO A 186 -25.27 28.05 10.58
N GLY A 187 -25.53 27.69 11.84
CA GLY A 187 -25.38 28.62 12.96
C GLY A 187 -23.95 28.71 13.45
N TYR A 188 -23.12 27.80 12.95
CA TYR A 188 -21.74 27.70 13.35
C TYR A 188 -20.80 28.43 12.38
N VAL A 189 -21.35 28.91 11.26
CA VAL A 189 -20.57 29.60 10.22
C VAL A 189 -20.12 30.99 10.66
N ALA A 190 -18.89 31.33 10.28
CA ALA A 190 -18.23 32.56 10.69
C ALA A 190 -18.79 33.73 9.90
N PRO A 191 -18.86 34.91 10.53
CA PRO A 191 -19.46 36.10 9.92
C PRO A 191 -18.87 36.50 8.56
N GLU A 192 -17.56 36.37 8.43
CA GLU A 192 -16.87 36.75 7.19
C GLU A 192 -17.19 35.83 6.02
N VAL A 193 -17.63 34.60 6.30
CA VAL A 193 -18.09 33.70 5.26
C VAL A 193 -19.47 34.14 4.77
N LEU A 194 -20.38 34.42 5.72
CA LEU A 194 -21.68 35.00 5.40
C LEU A 194 -21.48 36.27 4.58
N ALA A 195 -20.51 37.09 4.99
CA ALA A 195 -20.21 38.36 4.31
C ALA A 195 -19.44 38.18 2.99
N GLN A 196 -19.48 36.96 2.45
CA GLN A 196 -18.94 36.64 1.14
C GLN A 196 -17.47 36.99 1.00
N LYS A 197 -16.73 36.99 2.10
CA LYS A 197 -15.30 37.29 2.07
C LYS A 197 -14.51 35.98 2.06
N PRO A 198 -13.23 36.03 1.62
CA PRO A 198 -12.44 34.79 1.53
C PRO A 198 -12.11 34.23 2.91
N TYR A 199 -12.37 32.94 3.09
CA TYR A 199 -12.19 32.28 4.37
C TYR A 199 -10.67 32.17 4.68
N SER A 200 -10.33 32.02 5.95
CA SER A 200 -8.96 31.82 6.41
C SER A 200 -8.96 30.82 7.57
N LYS A 201 -7.83 30.63 8.23
CA LYS A 201 -7.77 29.76 9.40
C LYS A 201 -8.62 30.32 10.54
N ALA A 202 -8.88 31.63 10.51
CA ALA A 202 -9.66 32.31 11.55
C ALA A 202 -11.08 31.75 11.67
N VAL A 203 -11.63 31.32 10.55
CA VAL A 203 -12.92 30.62 10.48
C VAL A 203 -13.06 29.49 11.54
N ASP A 204 -12.01 28.70 11.71
CA ASP A 204 -12.02 27.61 12.70
C ASP A 204 -11.98 28.12 14.14
N CYS A 205 -11.28 29.23 14.36
CA CYS A 205 -11.19 29.80 15.70
C CYS A 205 -12.51 30.31 16.15
N TRP A 206 -13.27 30.93 15.24
CA TRP A 206 -14.70 31.26 15.47
C TRP A 206 -15.54 30.06 15.94
N SER A 207 -15.45 28.97 15.22
CA SER A 207 -16.14 27.73 15.56
C SER A 207 -15.74 27.18 16.93
N ILE A 208 -14.48 27.35 17.32
CA ILE A 208 -14.08 26.87 18.63
C ILE A 208 -14.76 27.71 19.74
N GLY A 209 -14.92 29.02 19.50
CA GLY A 209 -15.66 29.90 20.40
C GLY A 209 -17.14 29.55 20.55
N VAL A 210 -17.75 29.10 19.46
CA VAL A 210 -19.16 28.65 19.46
C VAL A 210 -19.29 27.33 20.22
N ILE A 211 -18.32 26.45 20.06
CA ILE A 211 -18.29 25.18 20.80
C ILE A 211 -18.10 25.47 22.28
N ALA A 212 -17.18 26.37 22.63
CA ALA A 212 -17.00 26.74 24.04
C ALA A 212 -18.28 27.32 24.65
N TYR A 213 -19.00 28.12 23.89
CA TYR A 213 -20.29 28.67 24.29
C TYR A 213 -21.32 27.59 24.63
N ILE A 214 -21.50 26.63 23.72
CA ILE A 214 -22.42 25.52 23.91
C ILE A 214 -22.02 24.61 25.09
N LEU A 215 -20.72 24.34 25.25
CA LEU A 215 -20.22 23.48 26.36
C LEU A 215 -20.49 24.05 27.76
N LEU A 216 -20.77 25.35 27.85
CA LEU A 216 -21.00 26.01 29.14
C LEU A 216 -22.44 26.42 29.43
N CYS A 217 -23.34 26.31 28.46
CA CYS A 217 -24.79 26.50 28.71
C CYS A 217 -25.73 25.46 28.04
N GLY A 218 -25.23 24.72 27.07
CA GLY A 218 -26.03 23.69 26.42
C GLY A 218 -26.98 24.15 25.32
N TYR A 219 -26.86 25.39 24.89
CA TYR A 219 -27.56 25.86 23.69
C TYR A 219 -26.64 26.69 22.79
N PRO A 220 -26.97 26.77 21.48
CA PRO A 220 -26.21 27.61 20.55
C PRO A 220 -26.41 29.14 20.71
N PRO A 221 -25.35 29.94 20.50
CA PRO A 221 -25.43 31.38 20.71
C PRO A 221 -26.32 32.11 19.73
N PHE A 222 -26.51 31.52 18.56
CA PHE A 222 -27.39 32.05 17.52
C PHE A 222 -28.39 30.98 17.11
N TYR A 223 -29.69 31.28 17.22
CA TYR A 223 -30.74 30.36 16.76
C TYR A 223 -31.90 31.03 16.00
N ASP A 224 -32.28 30.36 14.90
CA ASP A 224 -33.21 30.88 13.88
C ASP A 224 -34.64 31.12 14.31
N GLU A 225 -35.22 32.09 13.61
CA GLU A 225 -36.65 32.18 13.46
C GLU A 225 -36.81 31.74 12.00
N ASN A 226 -36.35 32.61 11.08
CA ASN A 226 -36.06 32.25 9.68
C ASN A 226 -34.53 32.01 9.64
N ASP A 227 -34.01 31.30 8.64
CA ASP A 227 -32.56 31.33 8.35
C ASP A 227 -32.11 32.78 8.00
N SER A 228 -33.04 33.61 7.53
CA SER A 228 -32.81 35.02 7.22
C SER A 228 -32.38 35.81 8.43
N LYS A 229 -33.17 35.68 9.49
CA LYS A 229 -32.91 36.36 10.75
C LYS A 229 -31.60 35.88 11.38
N LEU A 230 -31.33 34.58 11.25
CA LEU A 230 -30.15 33.95 11.83
C LEU A 230 -28.86 34.45 11.18
N PHE A 231 -28.89 34.50 9.85
CA PHE A 231 -27.81 35.02 9.01
C PHE A 231 -27.42 36.45 9.41
N GLU A 232 -28.43 37.30 9.57
CA GLU A 232 -28.21 38.70 9.92
C GLU A 232 -27.61 38.88 11.33
N GLN A 233 -27.97 37.98 12.24
CA GLN A 233 -27.44 37.98 13.61
C GLN A 233 -25.99 37.51 13.70
N ILE A 234 -25.63 36.49 12.92
CA ILE A 234 -24.24 36.05 12.84
C ILE A 234 -23.35 37.10 12.17
N LEU A 235 -23.82 37.70 11.07
CA LEU A 235 -23.13 38.82 10.41
C LEU A 235 -22.74 39.94 11.38
N LYS A 236 -23.69 40.37 12.21
CA LYS A 236 -23.43 41.39 13.24
C LYS A 236 -22.67 40.79 14.43
N ALA A 237 -22.66 39.46 14.54
CA ALA A 237 -22.03 38.75 15.67
C ALA A 237 -22.60 39.23 17.01
N GLU A 238 -23.92 39.38 17.06
CA GLU A 238 -24.59 39.84 18.27
C GLU A 238 -25.17 38.62 18.97
N TYR A 239 -24.59 38.34 20.14
CA TYR A 239 -25.00 37.26 21.01
C TYR A 239 -24.81 37.76 22.42
N GLU A 240 -25.34 36.99 23.36
CA GLU A 240 -25.42 37.32 24.81
C GLU A 240 -24.86 36.08 25.49
N PHE A 241 -24.09 36.22 26.55
CA PHE A 241 -24.35 35.65 27.87
C PHE A 241 -25.59 35.86 28.74
N ASP A 242 -26.67 35.13 28.40
CA ASP A 242 -28.04 35.37 28.91
C ASP A 242 -28.19 34.90 30.34
N SER A 243 -28.99 35.61 31.13
CA SER A 243 -29.38 35.11 32.44
C SER A 243 -30.60 34.21 32.29
N PRO A 244 -30.75 33.20 33.18
CA PRO A 244 -29.90 32.86 34.32
C PRO A 244 -28.69 31.94 34.01
N TYR A 245 -28.69 31.37 32.82
CA TYR A 245 -27.79 30.30 32.41
C TYR A 245 -26.30 30.64 32.49
N TRP A 246 -26.00 31.92 32.37
CA TRP A 246 -24.65 32.40 32.34
C TRP A 246 -24.19 33.03 33.66
N ASP A 247 -25.08 33.14 34.65
CA ASP A 247 -24.80 33.83 35.93
C ASP A 247 -23.69 33.20 36.79
N ASP A 248 -23.53 31.89 36.69
CA ASP A 248 -22.58 31.13 37.50
C ASP A 248 -21.26 30.97 36.79
N ILE A 249 -21.18 31.45 35.55
CA ILE A 249 -20.01 31.23 34.69
C ILE A 249 -19.00 32.35 34.92
N SER A 250 -17.71 32.00 34.92
CA SER A 250 -16.68 32.98 35.26
C SER A 250 -16.58 34.08 34.18
N ASP A 251 -16.12 35.25 34.61
CA ASP A 251 -15.69 36.28 33.70
C ASP A 251 -14.60 35.76 32.78
N SER A 252 -13.70 34.93 33.30
CA SER A 252 -12.58 34.41 32.52
C SER A 252 -13.07 33.63 31.30
N ALA A 253 -14.07 32.75 31.49
CA ALA A 253 -14.63 31.94 30.42
C ALA A 253 -15.26 32.84 29.37
N LYS A 254 -15.94 33.88 29.84
CA LYS A 254 -16.66 34.80 29.00
C LYS A 254 -15.70 35.63 28.16
N ASP A 255 -14.60 36.03 28.77
CA ASP A 255 -13.51 36.70 28.07
C ASP A 255 -12.90 35.81 27.01
N PHE A 256 -12.69 34.56 27.35
CA PHE A 256 -12.16 33.60 26.40
C PHE A 256 -13.02 33.52 25.13
N ILE A 257 -14.31 33.37 25.33
CA ILE A 257 -15.26 33.26 24.22
C ILE A 257 -15.39 34.55 23.38
N ARG A 258 -15.35 35.71 24.01
CA ARG A 258 -15.37 36.97 23.29
C ARG A 258 -14.18 37.16 22.35
N ASN A 259 -13.03 36.58 22.69
CA ASN A 259 -11.83 36.63 21.84
C ASN A 259 -11.87 35.68 20.63
N LEU A 260 -12.70 34.64 20.71
CA LEU A 260 -12.88 33.70 19.60
C LEU A 260 -14.14 34.05 18.80
N MET A 261 -15.23 34.34 19.48
CA MET A 261 -16.41 34.86 18.82
C MET A 261 -16.30 36.38 18.58
N GLU A 262 -15.22 36.75 17.89
CA GLU A 262 -14.92 38.12 17.49
C GLU A 262 -15.28 38.29 16.02
N LYS A 263 -16.06 39.32 15.69
CA LYS A 263 -16.60 39.51 14.36
C LYS A 263 -15.52 39.65 13.33
N ASP A 264 -14.51 40.46 13.66
CA ASP A 264 -13.41 40.79 12.77
C ASP A 264 -12.35 39.71 12.86
N PRO A 265 -12.16 38.92 11.76
CA PRO A 265 -11.20 37.81 11.81
C PRO A 265 -9.76 38.23 12.13
N ASN A 266 -9.44 39.48 11.84
CA ASN A 266 -8.13 40.06 12.09
C ASN A 266 -7.90 40.42 13.56
N LYS A 267 -8.98 40.55 14.33
CA LYS A 267 -8.89 40.84 15.76
C LYS A 267 -9.00 39.55 16.57
N ARG A 268 -9.38 38.46 15.91
CA ARG A 268 -9.85 37.26 16.61
C ARG A 268 -8.63 36.48 17.04
N TYR A 269 -8.74 35.74 18.13
CA TYR A 269 -7.63 34.90 18.58
C TYR A 269 -7.32 33.78 17.58
N THR A 270 -6.03 33.52 17.38
CA THR A 270 -5.58 32.26 16.80
C THR A 270 -5.70 31.14 17.87
N CYS A 271 -5.53 29.89 17.45
CA CYS A 271 -5.55 28.77 18.38
C CYS A 271 -4.41 28.88 19.38
N GLU A 272 -3.25 29.34 18.90
CA GLU A 272 -2.05 29.45 19.72
C GLU A 272 -2.24 30.48 20.82
N GLN A 273 -2.91 31.58 20.48
CA GLN A 273 -3.27 32.63 21.42
C GLN A 273 -4.30 32.11 22.42
N ALA A 274 -5.33 31.44 21.92
CA ALA A 274 -6.40 30.95 22.78
C ALA A 274 -5.88 29.89 23.77
N ALA A 275 -4.95 29.05 23.33
CA ALA A 275 -4.31 28.07 24.22
C ALA A 275 -3.46 28.69 25.35
N ARG A 276 -3.06 29.95 25.20
CA ARG A 276 -2.36 30.64 26.28
C ARG A 276 -3.32 31.41 27.21
N HIS A 277 -4.61 31.38 26.94
CA HIS A 277 -5.55 32.14 27.74
C HIS A 277 -5.64 31.46 29.08
N PRO A 278 -5.72 32.24 30.19
CA PRO A 278 -5.83 31.68 31.55
C PRO A 278 -6.91 30.60 31.77
N TRP A 279 -8.02 30.68 31.05
CA TRP A 279 -9.05 29.68 31.15
C TRP A 279 -8.60 28.32 30.67
N ILE A 280 -7.66 28.33 29.73
CA ILE A 280 -7.12 27.11 29.18
C ILE A 280 -5.82 26.74 29.90
N ALA A 281 -4.85 27.67 29.95
CA ALA A 281 -3.49 27.38 30.47
C ALA A 281 -3.32 27.64 31.99
N GLY A 282 -4.27 28.38 32.58
CA GLY A 282 -4.19 28.75 33.98
C GLY A 282 -5.18 28.02 34.86
N ASP A 283 -5.59 28.67 35.95
CA ASP A 283 -6.53 28.07 36.90
C ASP A 283 -7.77 28.94 37.11
N THR A 284 -8.24 29.64 36.08
CA THR A 284 -9.43 30.45 36.22
C THR A 284 -10.74 29.66 35.95
N ALA A 285 -10.62 28.51 35.31
CA ALA A 285 -11.78 27.67 35.05
C ALA A 285 -12.40 27.19 36.36
N LEU A 286 -13.69 27.45 36.58
CA LEU A 286 -14.29 27.14 37.87
C LEU A 286 -14.56 25.65 37.99
N ASN A 287 -14.70 25.16 39.24
CA ASN A 287 -15.06 23.75 39.49
C ASN A 287 -16.44 23.58 40.14
N LYS A 288 -17.38 24.42 39.73
CA LYS A 288 -18.76 24.32 40.20
C LYS A 288 -19.56 23.43 39.27
N ASN A 289 -20.47 22.66 39.84
CA ASN A 289 -21.33 21.79 39.05
C ASN A 289 -22.39 22.60 38.35
N ILE A 290 -22.35 22.59 37.03
CA ILE A 290 -23.36 23.26 36.18
C ILE A 290 -24.07 22.23 35.28
N HIS A 291 -23.90 20.95 35.60
CA HIS A 291 -24.50 19.87 34.83
C HIS A 291 -26.02 19.94 34.65
N GLU A 292 -26.74 20.41 35.67
CA GLU A 292 -28.21 20.40 35.72
CA GLU A 292 -28.20 20.33 35.67
C GLU A 292 -28.80 21.26 34.61
N SER A 293 -28.35 22.51 34.55
CA SER A 293 -28.85 23.43 33.55
C SER A 293 -28.28 23.11 32.16
N VAL A 294 -27.01 22.73 32.10
CA VAL A 294 -26.38 22.43 30.80
C VAL A 294 -27.07 21.20 30.16
N SER A 295 -27.27 20.12 30.94
CA SER A 295 -27.96 18.89 30.48
C SER A 295 -29.37 19.11 29.97
N ALA A 296 -30.16 19.93 30.68
CA ALA A 296 -31.51 20.26 30.26
C ALA A 296 -31.53 21.01 28.94
N GLN A 297 -30.56 21.89 28.77
CA GLN A 297 -30.49 22.69 27.55
C GLN A 297 -30.10 21.84 26.36
N ILE A 298 -29.17 20.92 26.56
CA ILE A 298 -28.75 19.96 25.54
C ILE A 298 -29.91 19.05 25.12
N ARG A 299 -30.67 18.58 26.10
CA ARG A 299 -31.85 17.75 25.83
C ARG A 299 -32.86 18.46 24.93
N LYS A 300 -33.09 19.72 25.23
CA LYS A 300 -33.95 20.59 24.44
C LYS A 300 -33.34 20.90 23.08
N ASN A 301 -32.06 21.25 23.07
CA ASN A 301 -31.44 21.79 21.85
C ASN A 301 -30.72 20.82 20.93
N PHE A 302 -30.27 19.68 21.45
CA PHE A 302 -29.50 18.70 20.65
C PHE A 302 -30.12 17.33 20.74
N ALA A 303 -31.44 17.29 20.51
CA ALA A 303 -32.26 16.10 20.76
C ALA A 303 -32.28 15.13 19.57
N LYS A 304 -31.60 15.52 18.50
CA LYS A 304 -31.51 14.74 17.27
C LYS A 304 -30.03 14.58 16.93
N SER A 305 -29.64 13.38 16.55
CA SER A 305 -28.24 13.06 16.28
C SER A 305 -28.17 12.42 14.92
N LYS A 306 -27.26 12.93 14.08
CA LYS A 306 -27.06 12.43 12.73
C LYS A 306 -26.37 11.07 12.71
N TRP A 307 -25.60 10.76 13.77
CA TRP A 307 -24.98 9.45 13.95
C TRP A 307 -26.07 8.42 14.14
N ARG A 308 -26.99 8.75 15.04
CA ARG A 308 -28.13 7.89 15.35
CA ARG A 308 -28.11 7.86 15.34
C ARG A 308 -28.98 7.63 14.11
N GLN A 309 -29.20 8.67 13.31
CA GLN A 309 -29.99 8.49 12.08
C GLN A 309 -29.27 7.82 10.94
N ALA A 310 -27.94 7.98 10.86
CA ALA A 310 -27.12 7.14 9.97
C ALA A 310 -27.26 5.65 10.36
N PHE A 311 -27.23 5.38 11.66
CA PHE A 311 -27.47 4.05 12.16
C PHE A 311 -28.88 3.54 11.82
N ASN A 312 -29.89 4.39 11.98
CA ASN A 312 -31.27 4.00 11.68
C ASN A 312 -31.55 3.73 10.18
N ALA A 313 -30.73 4.31 9.30
CA ALA A 313 -30.35 3.69 7.98
C ALA A 313 -31.38 3.27 6.97
N THR A 314 -30.97 2.33 6.12
CA THR A 314 -31.75 1.88 4.98
C THR A 314 -31.04 0.69 4.36
N SER B 12 -6.92 -4.73 -10.33
CA SER B 12 -7.87 -3.58 -10.37
C SER B 12 -7.95 -2.84 -9.01
N TRP B 13 -7.23 -3.34 -8.01
CA TRP B 13 -7.24 -2.77 -6.66
C TRP B 13 -5.94 -2.03 -6.33
N LYS B 14 -6.11 -0.86 -5.73
CA LYS B 14 -5.02 0.04 -5.48
C LYS B 14 -5.21 0.75 -4.13
N LYS B 15 -4.09 1.24 -3.59
CA LYS B 15 -4.04 2.04 -2.38
C LYS B 15 -3.39 3.38 -2.69
N GLN B 16 -3.79 4.43 -1.97
CA GLN B 16 -3.09 5.70 -2.04
C GLN B 16 -1.71 5.45 -1.47
N ALA B 17 -0.67 5.90 -2.17
CA ALA B 17 0.70 5.70 -1.71
C ALA B 17 1.34 7.06 -1.66
N GLU B 18 2.60 7.11 -1.30
CA GLU B 18 3.39 8.34 -1.37
C GLU B 18 4.31 8.29 -2.60
N ASP B 19 4.91 9.44 -2.89
CA ASP B 19 5.93 9.52 -3.89
C ASP B 19 6.95 8.43 -3.59
N ILE B 20 7.21 7.56 -4.57
CA ILE B 20 8.14 6.45 -4.40
C ILE B 20 9.51 6.98 -3.96
N LYS B 21 9.84 8.18 -4.41
CA LYS B 21 11.11 8.84 -4.05
C LYS B 21 11.15 9.41 -2.62
N LYS B 22 10.01 9.43 -1.93
CA LYS B 22 9.93 9.74 -0.53
C LYS B 22 10.09 8.46 0.31
N ILE B 23 9.75 7.30 -0.27
CA ILE B 23 9.94 5.99 0.39
C ILE B 23 11.31 5.35 0.12
N PHE B 24 11.88 5.60 -1.06
CA PHE B 24 13.20 5.06 -1.43
C PHE B 24 14.14 6.18 -1.83
N GLU B 25 15.43 5.98 -1.54
CA GLU B 25 16.53 6.75 -2.13
C GLU B 25 16.95 5.98 -3.37
N PHE B 26 16.74 6.58 -4.53
CA PHE B 26 17.23 6.03 -5.76
C PHE B 26 18.72 6.27 -5.90
N LYS B 27 19.48 5.20 -6.07
CA LYS B 27 20.92 5.32 -6.16
C LYS B 27 21.29 5.17 -7.64
N GLU B 28 22.18 4.27 -7.97
CA GLU B 28 22.61 4.11 -9.35
C GLU B 28 21.62 3.37 -10.26
N THR B 29 21.70 3.70 -11.54
CA THR B 29 21.10 2.90 -12.60
C THR B 29 21.91 1.60 -12.75
N LEU B 30 21.23 0.48 -12.70
CA LEU B 30 21.86 -0.82 -12.91
C LEU B 30 21.88 -1.20 -14.41
N GLY B 31 20.87 -0.74 -15.14
CA GLY B 31 20.76 -0.99 -16.58
C GLY B 31 19.58 -0.27 -17.26
N THR B 32 19.72 -0.08 -18.57
CA THR B 32 18.77 0.67 -19.39
C THR B 32 18.39 -0.18 -20.62
N GLY B 33 17.09 -0.33 -20.86
CA GLY B 33 16.61 -1.10 -22.00
C GLY B 33 16.03 -0.14 -23.00
N ALA B 34 15.45 -0.69 -24.07
CA ALA B 34 14.78 0.12 -25.09
C ALA B 34 13.63 0.95 -24.48
N PHE B 35 12.91 0.36 -23.52
CA PHE B 35 11.68 0.96 -22.99
C PHE B 35 11.70 1.25 -21.47
N SER B 36 12.71 0.81 -20.75
CA SER B 36 12.73 0.92 -19.30
C SER B 36 14.14 1.07 -18.72
N GLU B 37 14.17 1.23 -17.39
CA GLU B 37 15.41 1.43 -16.64
C GLU B 37 15.29 0.72 -15.32
N VAL B 38 16.34 -0.01 -14.92
CA VAL B 38 16.45 -0.58 -13.60
C VAL B 38 17.47 0.20 -12.76
N VAL B 39 17.02 0.65 -11.59
CA VAL B 39 17.80 1.50 -10.69
C VAL B 39 17.89 0.87 -9.30
N LEU B 40 19.08 0.87 -8.71
CA LEU B 40 19.27 0.42 -7.31
C LEU B 40 18.62 1.46 -6.36
N ALA B 41 17.81 0.98 -5.43
CA ALA B 41 17.04 1.85 -4.53
C ALA B 41 17.09 1.30 -3.08
N GLU B 42 17.30 2.21 -2.14
CA GLU B 42 17.32 1.89 -0.73
C GLU B 42 16.06 2.37 -0.06
N GLU B 43 15.33 1.43 0.54
CA GLU B 43 14.18 1.74 1.37
C GLU B 43 14.71 2.51 2.60
N LYS B 44 14.25 3.75 2.77
CA LYS B 44 14.81 4.67 3.79
C LYS B 44 14.53 4.26 5.23
N ALA B 45 13.33 3.76 5.49
CA ALA B 45 12.96 3.27 6.82
C ALA B 45 13.83 2.08 7.27
N THR B 46 14.23 1.22 6.33
CA THR B 46 14.85 -0.07 6.66
C THR B 46 16.33 -0.22 6.31
N GLY B 47 16.81 0.52 5.31
CA GLY B 47 18.18 0.33 4.76
C GLY B 47 18.29 -0.84 3.79
N LYS B 48 17.14 -1.40 3.44
CA LYS B 48 17.09 -2.56 2.58
C LYS B 48 17.14 -2.07 1.15
N LEU B 49 17.88 -2.81 0.33
CA LEU B 49 18.15 -2.50 -1.04
C LEU B 49 17.27 -3.35 -1.94
N PHE B 50 16.76 -2.70 -2.98
CA PHE B 50 15.92 -3.31 -3.98
C PHE B 50 16.39 -2.86 -5.36
N ALA B 51 15.92 -3.57 -6.39
CA ALA B 51 16.09 -3.21 -7.80
C ALA B 51 14.72 -2.76 -8.35
N VAL B 52 14.58 -1.47 -8.67
CA VAL B 52 13.33 -0.86 -9.09
C VAL B 52 13.30 -0.65 -10.61
N LYS B 53 12.39 -1.35 -11.30
CA LYS B 53 12.21 -1.12 -12.72
C LYS B 53 11.18 0.00 -12.93
N CYS B 54 11.62 1.06 -13.59
CA CYS B 54 10.84 2.24 -13.89
C CYS B 54 10.44 2.17 -15.37
N ILE B 55 9.12 2.18 -15.63
CA ILE B 55 8.57 2.04 -16.96
C ILE B 55 7.63 3.18 -17.27
N PRO B 56 7.97 4.00 -18.28
CA PRO B 56 7.05 5.11 -18.55
C PRO B 56 5.74 4.57 -19.14
N LYS B 57 4.63 5.19 -18.77
CA LYS B 57 3.33 4.77 -19.29
C LYS B 57 3.15 5.11 -20.77
N LYS B 58 3.93 6.08 -21.26
CA LYS B 58 3.97 6.44 -22.68
C LYS B 58 4.47 5.32 -23.62
N ALA B 59 4.61 4.08 -23.09
CA ALA B 59 4.95 2.92 -23.89
C ALA B 59 4.03 1.76 -23.55
N SER B 66 -3.80 -5.91 -19.87
CA SER B 66 -2.71 -6.78 -20.31
C SER B 66 -1.57 -6.74 -19.29
N ILE B 67 -0.70 -5.72 -19.42
CA ILE B 67 0.40 -5.51 -18.48
C ILE B 67 -0.13 -5.28 -17.05
N GLU B 68 -1.33 -4.69 -16.93
CA GLU B 68 -2.02 -4.57 -15.63
C GLU B 68 -2.29 -5.95 -15.02
N ASN B 69 -2.90 -6.81 -15.82
CA ASN B 69 -3.18 -8.20 -15.44
C ASN B 69 -1.90 -9.00 -15.14
N GLU B 70 -0.93 -8.94 -16.06
CA GLU B 70 0.35 -9.65 -15.90
C GLU B 70 1.09 -9.25 -14.62
N ILE B 71 1.16 -7.95 -14.33
CA ILE B 71 1.84 -7.46 -13.12
C ILE B 71 1.19 -7.97 -11.82
N ALA B 72 -0.13 -8.12 -11.82
CA ALA B 72 -0.85 -8.63 -10.64
C ALA B 72 -0.42 -10.04 -10.25
N VAL B 73 -0.48 -10.97 -11.21
CA VAL B 73 0.06 -12.33 -11.06
C VAL B 73 1.47 -12.35 -10.48
N LEU B 74 2.37 -11.54 -11.04
CA LEU B 74 3.73 -11.48 -10.55
C LEU B 74 3.81 -11.17 -9.06
N ARG B 75 2.98 -10.23 -8.57
CA ARG B 75 3.05 -9.86 -7.17
C ARG B 75 2.67 -11.02 -6.26
N LYS B 76 1.88 -11.97 -6.77
CA LYS B 76 1.49 -13.18 -6.03
C LYS B 76 2.55 -14.27 -6.00
N ILE B 77 3.59 -14.16 -6.83
CA ILE B 77 4.57 -15.24 -6.96
C ILE B 77 5.58 -15.17 -5.80
N LYS B 78 5.54 -16.17 -4.91
CA LYS B 78 6.42 -16.21 -3.74
C LYS B 78 7.13 -17.54 -3.59
N HIS B 79 8.40 -17.56 -3.97
CA HIS B 79 9.22 -18.76 -3.91
C HIS B 79 10.66 -18.35 -3.71
N GLU B 80 11.41 -19.14 -2.95
CA GLU B 80 12.80 -18.79 -2.60
C GLU B 80 13.78 -18.71 -3.77
N ASN B 81 13.44 -19.33 -4.89
CA ASN B 81 14.30 -19.39 -6.08
C ASN B 81 13.74 -18.60 -7.25
N ILE B 82 12.84 -17.67 -6.96
CA ILE B 82 12.32 -16.76 -7.95
C ILE B 82 12.47 -15.35 -7.37
N VAL B 83 13.00 -14.43 -8.16
CA VAL B 83 13.10 -13.02 -7.76
C VAL B 83 11.69 -12.47 -7.47
N ALA B 84 11.50 -11.94 -6.27
CA ALA B 84 10.19 -11.49 -5.81
C ALA B 84 9.84 -10.10 -6.37
N LEU B 85 8.57 -9.92 -6.73
CA LEU B 85 8.01 -8.58 -6.90
C LEU B 85 7.37 -8.17 -5.56
N GLU B 86 8.02 -7.23 -4.88
CA GLU B 86 7.62 -6.73 -3.56
C GLU B 86 6.47 -5.72 -3.59
N ASP B 87 6.45 -4.84 -4.59
CA ASP B 87 5.42 -3.77 -4.70
C ASP B 87 5.45 -3.13 -6.08
N ILE B 88 4.32 -2.55 -6.48
CA ILE B 88 4.19 -1.78 -7.70
C ILE B 88 3.61 -0.39 -7.39
N TYR B 89 4.40 0.64 -7.67
CA TYR B 89 3.93 2.03 -7.58
C TYR B 89 3.57 2.57 -8.96
N GLU B 90 2.62 3.52 -8.98
CA GLU B 90 2.21 4.24 -10.17
C GLU B 90 2.15 5.72 -9.88
N SER B 91 2.71 6.50 -10.80
CA SER B 91 2.47 7.93 -10.88
C SER B 91 1.62 8.17 -12.13
N PRO B 92 1.20 9.42 -12.40
CA PRO B 92 0.47 9.62 -13.65
C PRO B 92 1.21 9.12 -14.92
N ASN B 93 2.55 9.14 -14.89
CA ASN B 93 3.39 8.85 -16.07
C ASN B 93 4.23 7.57 -16.00
N HIS B 94 4.45 7.02 -14.81
CA HIS B 94 5.34 5.86 -14.66
C HIS B 94 4.73 4.77 -13.81
N LEU B 95 5.14 3.54 -14.12
CA LEU B 95 5.02 2.37 -13.22
C LEU B 95 6.40 2.05 -12.71
N TYR B 96 6.45 1.65 -11.44
CA TYR B 96 7.70 1.32 -10.72
C TYR B 96 7.57 -0.06 -10.10
N LEU B 97 8.22 -1.06 -10.69
CA LEU B 97 8.23 -2.41 -10.12
C LEU B 97 9.40 -2.56 -9.13
N VAL B 98 9.07 -2.68 -7.85
CA VAL B 98 10.04 -2.86 -6.76
C VAL B 98 10.39 -4.35 -6.64
N MET B 99 11.63 -4.71 -7.02
CA MET B 99 12.05 -6.11 -7.07
C MET B 99 13.08 -6.48 -6.01
N GLN B 100 13.08 -7.74 -5.62
CA GLN B 100 14.08 -8.28 -4.73
C GLN B 100 15.43 -8.12 -5.41
N LEU B 101 16.40 -7.58 -4.69
CA LEU B 101 17.77 -7.47 -5.13
C LEU B 101 18.50 -8.80 -4.96
N VAL B 102 19.15 -9.27 -6.03
CA VAL B 102 20.01 -10.42 -6.00
C VAL B 102 21.35 -9.89 -6.49
N SER B 103 22.46 -10.35 -5.91
CA SER B 103 23.77 -9.77 -6.19
C SER B 103 24.87 -10.80 -6.44
N GLY B 104 24.55 -12.01 -6.86
CA GLY B 104 25.58 -13.03 -7.10
C GLY B 104 26.03 -13.16 -8.53
N GLY B 105 25.45 -12.36 -9.40
CA GLY B 105 25.84 -12.35 -10.79
C GLY B 105 25.22 -13.49 -11.57
N GLU B 106 25.60 -13.54 -12.85
CA GLU B 106 25.07 -14.49 -13.82
C GLU B 106 25.63 -15.89 -13.63
N LEU B 107 24.76 -16.88 -13.85
CA LEU B 107 25.11 -18.29 -13.77
C LEU B 107 26.35 -18.63 -14.60
N PHE B 108 26.34 -18.24 -15.87
CA PHE B 108 27.42 -18.57 -16.82
C PHE B 108 28.77 -18.04 -16.40
N ASP B 109 28.78 -16.88 -15.76
CA ASP B 109 30.04 -16.28 -15.28
C ASP B 109 30.59 -17.06 -14.10
N ARG B 110 29.72 -17.52 -13.22
CA ARG B 110 30.15 -18.30 -12.07
C ARG B 110 30.81 -19.60 -12.49
N ILE B 111 30.10 -20.33 -13.32
CA ILE B 111 30.59 -21.60 -13.78
C ILE B 111 31.97 -21.39 -14.36
N VAL B 112 32.11 -20.40 -15.25
CA VAL B 112 33.39 -20.16 -15.96
C VAL B 112 34.56 -19.85 -15.01
N GLU B 113 34.30 -19.09 -13.94
CA GLU B 113 35.33 -18.77 -12.95
C GLU B 113 35.49 -19.83 -11.84
N LYS B 114 34.74 -20.93 -11.90
CA LYS B 114 34.53 -21.80 -10.73
C LYS B 114 35.79 -22.55 -10.28
N GLY B 115 36.58 -23.09 -11.19
CA GLY B 115 37.76 -23.88 -10.79
C GLY B 115 37.48 -25.38 -10.80
N PHE B 116 36.33 -25.78 -10.26
CA PHE B 116 35.86 -27.19 -10.26
C PHE B 116 34.33 -27.26 -10.48
N TYR B 117 33.87 -28.19 -11.34
CA TYR B 117 32.45 -28.25 -11.73
C TYR B 117 32.02 -29.68 -12.11
N THR B 118 30.92 -30.15 -11.53
CA THR B 118 30.52 -31.54 -11.68
C THR B 118 29.07 -31.69 -12.12
N GLU B 119 28.64 -32.95 -12.29
CA GLU B 119 27.23 -33.24 -12.52
C GLU B 119 26.40 -32.88 -11.28
N LYS B 120 27.02 -33.02 -10.10
CA LYS B 120 26.33 -32.74 -8.83
C LYS B 120 25.98 -31.27 -8.72
N ASP B 121 26.86 -30.43 -9.27
CA ASP B 121 26.64 -29.01 -9.39
C ASP B 121 25.51 -28.70 -10.35
N ALA B 122 25.56 -29.28 -11.54
CA ALA B 122 24.48 -29.08 -12.51
C ALA B 122 23.13 -29.55 -11.94
N SER B 123 23.13 -30.74 -11.33
CA SER B 123 21.92 -31.33 -10.78
C SER B 123 21.32 -30.50 -9.64
N THR B 124 22.19 -29.99 -8.77
CA THR B 124 21.78 -29.05 -7.69
C THR B 124 21.11 -27.80 -8.26
N LEU B 125 21.65 -27.28 -9.36
CA LEU B 125 21.09 -26.14 -10.05
C LEU B 125 19.72 -26.47 -10.67
N ILE B 126 19.62 -27.60 -11.38
CA ILE B 126 18.36 -28.03 -12.00
C ILE B 126 17.27 -28.41 -10.97
N ARG B 127 17.66 -28.99 -9.85
CA ARG B 127 16.74 -29.25 -8.75
C ARG B 127 16.00 -27.98 -8.23
N GLN B 128 16.76 -26.91 -8.09
CA GLN B 128 16.17 -25.62 -7.68
C GLN B 128 15.17 -25.05 -8.69
N VAL B 129 15.52 -25.18 -9.97
CA VAL B 129 14.70 -24.65 -11.05
C VAL B 129 13.44 -25.50 -11.16
N LEU B 130 13.60 -26.82 -10.97
CA LEU B 130 12.44 -27.71 -10.96
C LEU B 130 11.48 -27.32 -9.85
N ASP B 131 12.03 -26.96 -8.69
CA ASP B 131 11.19 -26.57 -7.56
C ASP B 131 10.47 -25.26 -7.77
N ALA B 132 11.21 -24.24 -8.24
CA ALA B 132 10.62 -22.98 -8.69
C ALA B 132 9.52 -23.15 -9.77
N VAL B 133 9.83 -23.83 -10.88
CA VAL B 133 8.84 -24.03 -11.95
C VAL B 133 7.64 -24.90 -11.57
N TYR B 134 7.85 -25.84 -10.67
CA TYR B 134 6.76 -26.67 -10.16
C TYR B 134 5.75 -25.81 -9.36
N TYR B 135 6.30 -24.89 -8.57
CA TYR B 135 5.48 -23.91 -7.86
C TYR B 135 4.68 -23.00 -8.83
N LEU B 136 5.33 -22.50 -9.89
CA LEU B 136 4.63 -21.67 -10.86
C LEU B 136 3.49 -22.48 -11.46
N HIS B 137 3.77 -23.72 -11.84
CA HIS B 137 2.77 -24.59 -12.42
C HIS B 137 1.57 -24.84 -11.48
N ARG B 138 1.81 -25.05 -10.18
CA ARG B 138 0.72 -25.26 -9.19
C ARG B 138 -0.17 -24.03 -9.04
N MET B 139 0.47 -22.88 -9.18
CA MET B 139 -0.15 -21.56 -9.12
C MET B 139 -0.92 -21.19 -10.42
N GLY B 140 -0.77 -22.00 -11.49
CA GLY B 140 -1.53 -21.80 -12.75
C GLY B 140 -0.77 -20.98 -13.80
N ILE B 141 0.55 -20.87 -13.65
CA ILE B 141 1.39 -19.96 -14.41
C ILE B 141 2.39 -20.72 -15.31
N VAL B 142 2.38 -20.43 -16.60
CA VAL B 142 3.45 -20.87 -17.50
C VAL B 142 4.46 -19.72 -17.70
N HIS B 143 5.72 -20.00 -17.41
CA HIS B 143 6.82 -19.03 -17.63
C HIS B 143 6.97 -18.65 -19.09
N ARG B 144 7.20 -19.67 -19.93
CA ARG B 144 7.31 -19.52 -21.40
C ARG B 144 8.65 -19.01 -21.94
N ASP B 145 9.56 -18.56 -21.06
CA ASP B 145 10.84 -17.98 -21.47
C ASP B 145 12.01 -18.36 -20.55
N LEU B 146 12.00 -19.59 -20.02
CA LEU B 146 13.10 -20.08 -19.18
C LEU B 146 14.38 -20.27 -20.01
N LYS B 147 15.48 -19.72 -19.52
CA LYS B 147 16.72 -19.80 -20.23
C LYS B 147 17.83 -19.51 -19.25
N PRO B 148 18.99 -20.12 -19.46
CA PRO B 148 20.05 -20.00 -18.46
C PRO B 148 20.57 -18.57 -18.27
N GLU B 149 20.27 -17.68 -19.22
CA GLU B 149 20.78 -16.32 -19.16
C GLU B 149 20.01 -15.44 -18.17
N ASN B 150 18.82 -15.90 -17.77
CA ASN B 150 18.02 -15.22 -16.77
C ASN B 150 18.07 -15.91 -15.39
N LEU B 151 19.05 -16.79 -15.19
CA LEU B 151 19.33 -17.42 -13.93
C LEU B 151 20.47 -16.67 -13.27
N LEU B 152 20.18 -16.12 -12.09
CA LEU B 152 21.15 -15.33 -11.35
C LEU B 152 21.28 -15.90 -9.94
N TYR B 153 22.47 -15.74 -9.38
CA TYR B 153 22.76 -16.11 -8.02
C TYR B 153 22.25 -15.04 -7.08
N TYR B 154 21.62 -15.48 -6.00
CA TYR B 154 21.13 -14.60 -4.94
C TYR B 154 22.26 -13.75 -4.32
N SER B 155 23.38 -14.39 -4.02
CA SER B 155 24.52 -13.68 -3.37
C SER B 155 25.83 -14.15 -3.95
N GLN B 156 26.92 -13.54 -3.51
CA GLN B 156 28.28 -13.90 -3.94
C GLN B 156 28.83 -15.16 -3.24
N ASP B 157 28.16 -15.60 -2.19
CA ASP B 157 28.56 -16.80 -1.48
C ASP B 157 28.67 -17.96 -2.47
N GLU B 158 29.68 -18.80 -2.25
CA GLU B 158 29.94 -19.97 -3.10
C GLU B 158 28.80 -20.98 -3.12
N GLU B 159 28.00 -21.02 -2.06
CA GLU B 159 26.85 -21.93 -2.02
C GLU B 159 25.51 -21.20 -2.14
N SER B 160 25.53 -20.02 -2.74
CA SER B 160 24.31 -19.27 -3.03
C SER B 160 23.33 -20.13 -3.82
N LYS B 161 22.05 -20.01 -3.49
CA LYS B 161 20.97 -20.50 -4.33
C LYS B 161 20.93 -19.73 -5.66
N ILE B 162 20.28 -20.34 -6.63
CA ILE B 162 20.02 -19.70 -7.91
C ILE B 162 18.57 -19.18 -7.94
N MET B 163 18.36 -18.14 -8.75
CA MET B 163 17.14 -17.36 -8.83
C MET B 163 16.74 -17.15 -10.29
N ILE B 164 15.47 -17.39 -10.58
CA ILE B 164 14.84 -17.04 -11.83
C ILE B 164 14.46 -15.57 -11.77
N SER B 165 14.85 -14.80 -12.78
CA SER B 165 14.65 -13.35 -12.85
C SER B 165 13.82 -12.92 -14.06
N PRO B 186 14.95 -18.51 -29.11
CA PRO B 186 14.50 -19.06 -30.41
C PRO B 186 14.88 -20.53 -30.59
N GLY B 187 16.08 -20.88 -30.12
CA GLY B 187 16.56 -22.27 -30.10
C GLY B 187 16.20 -22.97 -28.80
N TYR B 188 15.61 -22.22 -27.86
CA TYR B 188 15.11 -22.74 -26.59
C TYR B 188 13.60 -23.04 -26.58
N VAL B 189 12.88 -22.71 -27.65
CA VAL B 189 11.43 -22.88 -27.69
C VAL B 189 11.00 -24.31 -28.08
N ALA B 190 9.92 -24.80 -27.45
CA ALA B 190 9.49 -26.20 -27.58
C ALA B 190 8.89 -26.49 -28.93
N PRO B 191 9.03 -27.74 -29.41
CA PRO B 191 8.54 -28.17 -30.74
C PRO B 191 7.08 -27.81 -31.05
N GLU B 192 6.19 -28.03 -30.08
CA GLU B 192 4.76 -27.75 -30.27
C GLU B 192 4.49 -26.27 -30.49
N VAL B 193 5.36 -25.40 -29.99
CA VAL B 193 5.17 -23.96 -30.14
C VAL B 193 5.40 -23.63 -31.60
N LEU B 194 6.52 -24.14 -32.13
CA LEU B 194 6.84 -24.06 -33.56
C LEU B 194 5.76 -24.73 -34.42
N ALA B 195 5.26 -25.88 -33.96
CA ALA B 195 4.15 -26.58 -34.63
C ALA B 195 2.83 -25.81 -34.52
N GLN B 196 2.92 -24.51 -34.21
CA GLN B 196 1.74 -23.64 -34.14
C GLN B 196 0.60 -24.31 -33.36
N LYS B 197 0.95 -25.07 -32.32
CA LYS B 197 -0.01 -25.68 -31.40
C LYS B 197 -0.07 -24.84 -30.13
N PRO B 198 -1.20 -24.95 -29.38
CA PRO B 198 -1.38 -24.20 -28.14
C PRO B 198 -0.42 -24.67 -27.04
N TYR B 199 0.21 -23.72 -26.36
CA TYR B 199 1.20 -24.03 -25.34
C TYR B 199 0.45 -24.50 -24.07
N SER B 200 1.10 -25.38 -23.30
CA SER B 200 0.63 -25.80 -22.00
C SER B 200 1.85 -25.60 -21.11
N LYS B 201 1.76 -26.04 -19.86
CA LYS B 201 2.90 -26.01 -18.94
C LYS B 201 4.08 -26.86 -19.38
N ALA B 202 3.82 -27.86 -20.22
CA ALA B 202 4.84 -28.76 -20.74
C ALA B 202 6.01 -28.00 -21.36
N VAL B 203 5.71 -26.82 -21.90
CA VAL B 203 6.66 -25.94 -22.57
C VAL B 203 7.85 -25.61 -21.62
N ASP B 204 7.56 -25.37 -20.35
CA ASP B 204 8.62 -25.02 -19.43
C ASP B 204 9.53 -26.20 -19.15
N CYS B 205 8.97 -27.41 -19.19
CA CYS B 205 9.73 -28.62 -18.88
C CYS B 205 10.74 -28.93 -19.95
N TRP B 206 10.32 -28.73 -21.20
CA TRP B 206 11.24 -28.75 -22.33
C TRP B 206 12.42 -27.78 -22.11
N SER B 207 12.10 -26.52 -21.76
CA SER B 207 13.13 -25.53 -21.44
C SER B 207 14.10 -25.98 -20.32
N ILE B 208 13.58 -26.65 -19.30
CA ILE B 208 14.46 -27.20 -18.25
C ILE B 208 15.42 -28.26 -18.82
N GLY B 209 14.93 -29.13 -19.69
CA GLY B 209 15.80 -30.06 -20.40
C GLY B 209 16.93 -29.35 -21.15
N VAL B 210 16.58 -28.27 -21.86
CA VAL B 210 17.53 -27.49 -22.63
C VAL B 210 18.59 -26.87 -21.72
N ILE B 211 18.16 -26.35 -20.58
CA ILE B 211 19.06 -25.78 -19.58
C ILE B 211 19.98 -26.88 -19.01
N ALA B 212 19.39 -28.04 -18.68
CA ALA B 212 20.18 -29.17 -18.19
C ALA B 212 21.25 -29.62 -19.19
N TYR B 213 20.90 -29.67 -20.48
CA TYR B 213 21.84 -29.94 -21.58
C TYR B 213 23.03 -28.96 -21.62
N ILE B 214 22.74 -27.66 -21.65
CA ILE B 214 23.77 -26.63 -21.66
C ILE B 214 24.69 -26.76 -20.43
N LEU B 215 24.10 -26.97 -19.25
CA LEU B 215 24.87 -27.06 -18.02
C LEU B 215 25.88 -28.20 -18.01
N LEU B 216 25.66 -29.24 -18.83
CA LEU B 216 26.56 -30.40 -18.88
C LEU B 216 27.58 -30.38 -20.01
N CYS B 217 27.47 -29.41 -20.91
CA CYS B 217 28.41 -29.32 -22.02
C CYS B 217 28.84 -27.91 -22.43
N GLY B 218 28.03 -26.91 -22.09
CA GLY B 218 28.35 -25.50 -22.35
C GLY B 218 27.95 -24.97 -23.71
N TYR B 219 27.19 -25.76 -24.48
CA TYR B 219 26.68 -25.31 -25.78
C TYR B 219 25.23 -25.76 -25.98
N PRO B 220 24.46 -24.98 -26.76
CA PRO B 220 23.04 -25.27 -26.95
C PRO B 220 22.82 -26.49 -27.82
N PRO B 221 21.77 -27.29 -27.52
CA PRO B 221 21.46 -28.54 -28.28
C PRO B 221 21.03 -28.36 -29.72
N PHE B 222 20.54 -27.16 -30.04
CA PHE B 222 20.19 -26.82 -31.41
C PHE B 222 20.86 -25.51 -31.78
N TYR B 223 21.63 -25.56 -32.86
CA TYR B 223 22.15 -24.35 -33.47
C TYR B 223 22.41 -24.58 -34.94
N ASP B 224 21.94 -23.67 -35.77
CA ASP B 224 22.36 -23.65 -37.17
C ASP B 224 22.35 -22.26 -37.76
N GLU B 225 23.38 -21.98 -38.55
CA GLU B 225 23.54 -20.70 -39.25
C GLU B 225 22.30 -20.36 -40.07
N ASN B 226 21.73 -21.36 -40.73
CA ASN B 226 20.46 -21.22 -41.45
C ASN B 226 19.30 -21.79 -40.62
N ASP B 227 18.42 -20.91 -40.15
CA ASP B 227 17.37 -21.32 -39.20
C ASP B 227 16.17 -22.05 -39.84
N SER B 228 16.20 -22.26 -41.16
CA SER B 228 15.29 -23.19 -41.82
C SER B 228 15.58 -24.61 -41.31
N LYS B 229 16.87 -24.92 -41.18
CA LYS B 229 17.34 -26.23 -40.76
C LYS B 229 17.18 -26.39 -39.25
N LEU B 230 17.43 -25.30 -38.50
CA LEU B 230 17.27 -25.28 -37.05
C LEU B 230 15.82 -25.57 -36.64
N PHE B 231 14.89 -24.89 -37.29
CA PHE B 231 13.45 -25.06 -37.11
C PHE B 231 13.05 -26.51 -37.28
N GLU B 232 13.61 -27.15 -38.31
CA GLU B 232 13.34 -28.55 -38.63
C GLU B 232 13.94 -29.50 -37.59
N GLN B 233 15.11 -29.14 -37.06
CA GLN B 233 15.74 -29.93 -36.00
C GLN B 233 14.94 -29.79 -34.70
N ILE B 234 14.49 -28.57 -34.39
CA ILE B 234 13.70 -28.36 -33.17
C ILE B 234 12.34 -29.04 -33.33
N LEU B 235 11.68 -28.85 -34.47
CA LEU B 235 10.38 -29.46 -34.74
C LEU B 235 10.43 -30.97 -34.61
N LYS B 236 11.55 -31.57 -35.02
CA LYS B 236 11.75 -33.01 -34.99
C LYS B 236 12.53 -33.46 -33.74
N ALA B 237 12.88 -32.51 -32.88
CA ALA B 237 13.63 -32.79 -31.65
C ALA B 237 14.87 -33.64 -31.91
N GLU B 238 15.58 -33.34 -33.00
CA GLU B 238 16.79 -34.06 -33.38
C GLU B 238 17.98 -33.36 -32.76
N TYR B 239 18.54 -33.98 -31.71
CA TYR B 239 19.78 -33.54 -31.08
C TYR B 239 20.64 -34.76 -30.71
N GLU B 240 21.92 -34.49 -30.43
CA GLU B 240 22.94 -35.49 -30.04
C GLU B 240 23.43 -34.92 -28.73
N PHE B 241 23.60 -35.71 -27.68
CA PHE B 241 24.90 -36.18 -27.11
C PHE B 241 26.18 -36.43 -27.91
N ASP B 242 26.74 -35.34 -28.44
CA ASP B 242 27.91 -35.41 -29.32
C ASP B 242 29.16 -35.81 -28.51
N SER B 243 30.05 -36.55 -29.16
CA SER B 243 31.36 -36.87 -28.61
C SER B 243 32.37 -35.81 -29.12
N PRO B 244 33.40 -35.48 -28.32
CA PRO B 244 33.81 -36.06 -27.03
C PRO B 244 33.20 -35.41 -25.80
N TYR B 245 32.40 -34.37 -25.97
CA TYR B 245 31.92 -33.54 -24.86
C TYR B 245 31.02 -34.30 -23.88
N TRP B 246 30.21 -35.23 -24.41
CA TRP B 246 29.29 -36.03 -23.62
C TRP B 246 29.84 -37.42 -23.23
N ASP B 247 31.10 -37.69 -23.55
CA ASP B 247 31.76 -38.95 -23.20
C ASP B 247 31.81 -39.26 -21.70
N ASP B 248 32.07 -38.24 -20.89
CA ASP B 248 32.27 -38.44 -19.46
C ASP B 248 31.00 -38.14 -18.67
N ILE B 249 29.86 -38.02 -19.36
CA ILE B 249 28.59 -37.77 -18.69
C ILE B 249 27.86 -39.10 -18.46
N SER B 250 27.09 -39.17 -17.38
CA SER B 250 26.40 -40.41 -17.03
C SER B 250 25.23 -40.67 -17.95
N ASP B 251 24.93 -41.96 -18.08
CA ASP B 251 23.75 -42.40 -18.81
C ASP B 251 22.50 -41.89 -18.08
N SER B 252 22.63 -41.70 -16.77
CA SER B 252 21.57 -41.15 -15.95
C SER B 252 21.22 -39.71 -16.38
N ALA B 253 22.22 -38.87 -16.61
CA ALA B 253 21.97 -37.47 -17.02
C ALA B 253 21.28 -37.39 -18.38
N LYS B 254 21.74 -38.25 -19.29
CA LYS B 254 21.24 -38.26 -20.66
C LYS B 254 19.80 -38.75 -20.67
N ASP B 255 19.51 -39.73 -19.84
CA ASP B 255 18.14 -40.24 -19.67
C ASP B 255 17.16 -39.20 -19.10
N PHE B 256 17.62 -38.41 -18.15
CA PHE B 256 16.84 -37.32 -17.56
C PHE B 256 16.50 -36.26 -18.62
N ILE B 257 17.50 -35.86 -19.42
CA ILE B 257 17.31 -34.86 -20.49
C ILE B 257 16.39 -35.38 -21.58
N ARG B 258 16.56 -36.64 -21.96
CA ARG B 258 15.66 -37.31 -22.91
C ARG B 258 14.18 -37.28 -22.50
N ASN B 259 13.91 -37.33 -21.20
CA ASN B 259 12.53 -37.28 -20.73
C ASN B 259 11.92 -35.87 -20.72
N LEU B 260 12.78 -34.87 -20.57
CA LEU B 260 12.39 -33.45 -20.62
C LEU B 260 12.39 -32.89 -22.06
N MET B 261 13.44 -33.21 -22.81
CA MET B 261 13.54 -32.88 -24.24
C MET B 261 12.91 -34.03 -25.04
N GLU B 262 11.61 -34.21 -24.79
CA GLU B 262 10.78 -35.13 -25.52
C GLU B 262 9.88 -34.29 -26.43
N LYS B 263 9.90 -34.60 -27.72
CA LYS B 263 9.11 -33.94 -28.75
C LYS B 263 7.60 -33.81 -28.46
N ASP B 264 7.02 -34.88 -27.94
CA ASP B 264 5.59 -34.92 -27.61
C ASP B 264 5.34 -34.40 -26.19
N PRO B 265 4.62 -33.26 -26.05
CA PRO B 265 4.35 -32.73 -24.71
C PRO B 265 3.53 -33.68 -23.80
N ASN B 266 2.76 -34.58 -24.40
CA ASN B 266 2.01 -35.58 -23.63
C ASN B 266 2.88 -36.76 -23.13
N LYS B 267 4.05 -36.97 -23.72
CA LYS B 267 4.99 -38.00 -23.25
C LYS B 267 6.11 -37.41 -22.37
N ARG B 268 6.18 -36.10 -22.32
CA ARG B 268 7.30 -35.41 -21.68
C ARG B 268 7.08 -35.36 -20.17
N TYR B 269 8.17 -35.41 -19.41
CA TYR B 269 8.12 -35.32 -17.95
C TYR B 269 7.56 -34.00 -17.46
N THR B 270 6.68 -34.05 -16.46
CA THR B 270 6.35 -32.89 -15.66
C THR B 270 7.53 -32.56 -14.74
N CYS B 271 7.50 -31.40 -14.09
CA CYS B 271 8.51 -31.03 -13.09
C CYS B 271 8.45 -31.97 -11.89
N GLU B 272 7.24 -32.38 -11.54
CA GLU B 272 7.03 -33.27 -10.42
C GLU B 272 7.75 -34.60 -10.70
N GLN B 273 7.61 -35.09 -11.92
CA GLN B 273 8.25 -36.32 -12.37
C GLN B 273 9.76 -36.19 -12.54
N ALA B 274 10.19 -35.09 -13.14
CA ALA B 274 11.63 -34.80 -13.30
C ALA B 274 12.34 -34.75 -11.94
N ALA B 275 11.71 -34.12 -10.95
CA ALA B 275 12.24 -34.00 -9.58
C ALA B 275 12.45 -35.33 -8.85
N ARG B 276 11.71 -36.36 -9.24
CA ARG B 276 11.84 -37.71 -8.70
C ARG B 276 12.84 -38.60 -9.47
N HIS B 277 13.45 -38.07 -10.53
CA HIS B 277 14.43 -38.85 -11.28
C HIS B 277 15.69 -39.02 -10.42
N PRO B 278 16.34 -40.20 -10.47
CA PRO B 278 17.58 -40.47 -9.72
C PRO B 278 18.73 -39.45 -9.85
N TRP B 279 18.84 -38.78 -10.98
CA TRP B 279 19.93 -37.80 -11.17
C TRP B 279 19.67 -36.56 -10.30
N ILE B 280 18.39 -36.33 -9.99
CA ILE B 280 17.99 -35.22 -9.16
C ILE B 280 17.86 -35.67 -7.71
N ALA B 281 17.08 -36.72 -7.47
CA ALA B 281 16.72 -37.15 -6.13
C ALA B 281 17.58 -38.25 -5.52
N GLY B 282 18.38 -38.92 -6.35
CA GLY B 282 19.22 -40.04 -5.93
C GLY B 282 20.69 -39.67 -6.04
N ASP B 283 21.55 -40.64 -6.32
CA ASP B 283 22.98 -40.36 -6.41
C ASP B 283 23.65 -40.87 -7.70
N THR B 284 22.98 -40.72 -8.83
CA THR B 284 23.60 -41.06 -10.13
C THR B 284 24.43 -39.91 -10.72
N ALA B 285 24.18 -38.68 -10.26
CA ALA B 285 25.03 -37.51 -10.61
C ALA B 285 26.52 -37.71 -10.27
N LEU B 286 27.37 -37.70 -11.30
CA LEU B 286 28.80 -37.95 -11.12
C LEU B 286 29.53 -36.82 -10.41
N ASN B 287 30.70 -37.15 -9.87
CA ASN B 287 31.54 -36.22 -9.11
C ASN B 287 32.86 -35.94 -9.85
N LYS B 288 32.83 -36.09 -11.17
CA LYS B 288 33.98 -35.83 -12.02
C LYS B 288 33.99 -34.38 -12.48
N ASN B 289 35.16 -33.73 -12.40
CA ASN B 289 35.33 -32.37 -12.91
C ASN B 289 35.21 -32.35 -14.43
N ILE B 290 34.29 -31.51 -14.92
CA ILE B 290 34.05 -31.31 -16.36
C ILE B 290 34.16 -29.83 -16.75
N HIS B 291 34.66 -29.01 -15.82
CA HIS B 291 34.77 -27.56 -15.97
C HIS B 291 35.58 -27.12 -17.19
N GLU B 292 36.68 -27.82 -17.48
CA GLU B 292 37.53 -27.49 -18.64
C GLU B 292 36.72 -27.33 -19.93
N SER B 293 35.96 -28.36 -20.28
CA SER B 293 35.22 -28.43 -21.55
C SER B 293 33.98 -27.54 -21.52
N VAL B 294 33.23 -27.61 -20.42
CA VAL B 294 32.06 -26.78 -20.23
C VAL B 294 32.43 -25.28 -20.24
N SER B 295 33.49 -24.87 -19.55
CA SER B 295 33.88 -23.44 -19.54
C SER B 295 34.31 -22.93 -20.90
N ALA B 296 35.06 -23.76 -21.63
CA ALA B 296 35.55 -23.42 -22.97
C ALA B 296 34.36 -23.22 -23.88
N GLN B 297 33.42 -24.14 -23.81
CA GLN B 297 32.22 -24.06 -24.60
C GLN B 297 31.33 -22.88 -24.22
N ILE B 298 31.27 -22.54 -22.94
CA ILE B 298 30.51 -21.35 -22.49
C ILE B 298 31.12 -20.08 -23.03
N ARG B 299 32.44 -20.02 -22.98
CA ARG B 299 33.19 -18.86 -23.47
C ARG B 299 32.97 -18.62 -24.96
N LYS B 300 32.96 -19.71 -25.73
CA LYS B 300 32.65 -19.66 -27.16
C LYS B 300 31.16 -19.33 -27.39
N ASN B 301 30.27 -19.96 -26.63
CA ASN B 301 28.82 -19.97 -26.99
C ASN B 301 27.96 -18.88 -26.33
N PHE B 302 28.41 -18.34 -25.21
CA PHE B 302 27.65 -17.31 -24.48
C PHE B 302 28.56 -16.12 -24.11
N ALA B 303 29.27 -15.59 -25.12
CA ALA B 303 30.20 -14.48 -24.93
C ALA B 303 29.53 -13.13 -24.78
N LYS B 304 28.24 -13.08 -25.09
CA LYS B 304 27.48 -11.85 -25.06
C LYS B 304 26.43 -11.99 -23.96
N SER B 305 26.26 -10.93 -23.16
CA SER B 305 25.29 -10.89 -22.08
C SER B 305 24.39 -9.66 -22.23
N LYS B 306 23.08 -9.89 -22.16
CA LYS B 306 22.08 -8.81 -22.19
C LYS B 306 22.08 -7.95 -20.94
N TRP B 307 22.57 -8.47 -19.81
CA TRP B 307 22.67 -7.68 -18.58
C TRP B 307 23.82 -6.67 -18.72
N ARG B 308 24.95 -7.14 -19.24
CA ARG B 308 26.09 -6.29 -19.57
CA ARG B 308 26.06 -6.26 -19.53
C ARG B 308 25.71 -5.24 -20.62
N GLN B 309 24.95 -5.64 -21.65
CA GLN B 309 24.47 -4.68 -22.67
C GLN B 309 23.58 -3.58 -22.10
N ALA B 310 22.67 -3.98 -21.19
CA ALA B 310 21.73 -3.03 -20.53
C ALA B 310 22.54 -2.09 -19.65
N PHE B 311 23.54 -2.63 -18.95
CA PHE B 311 24.45 -1.83 -18.13
C PHE B 311 25.16 -0.82 -19.01
N ASN B 312 25.64 -1.26 -20.17
CA ASN B 312 26.41 -0.40 -21.07
C ASN B 312 25.65 0.77 -21.70
N ALA B 313 24.33 0.62 -21.96
CA ALA B 313 23.34 1.74 -21.84
C ALA B 313 23.34 2.88 -22.83
N THR B 314 22.77 4.00 -22.36
CA THR B 314 22.86 5.32 -23.03
C THR B 314 21.61 6.16 -22.72
CAK QPP C . -20.53 5.79 12.09
CAL QPP C . -21.28 6.40 11.10
CAM QPP C . -22.64 6.68 11.31
CAN QPP C . -23.22 6.33 12.51
CAO QPP C . -22.48 5.72 13.50
CAP QPP C . -21.12 5.45 13.33
C2 QPP C . -20.35 4.82 14.32
N1 QPP C . -19.01 5.00 14.39
N3 QPP C . -20.94 3.98 15.21
C4 QPP C . -20.23 3.33 16.16
CAA QPP C . -20.85 2.45 17.06
CAB QPP C . -20.13 1.78 18.06
CAC QPP C . -18.74 1.98 18.17
CAD QPP C . -18.12 2.85 17.25
C5 QPP C . -18.85 3.53 16.25
C6 QPP C . -18.24 4.39 15.32
NAQ QPP C . -16.89 4.57 15.39
CAR QPP C . -16.18 5.35 14.56
CAV QPP C . -16.59 6.34 13.76
CAU QPP C . -15.46 6.80 13.22
CAW QPP C . -15.35 7.94 12.23
NAT QPP C . -14.42 6.10 13.67
NAS QPP C . -14.87 5.25 14.46
CAK QPP D . 19.73 -5.16 -14.04
CAL QPP D . 19.28 -4.81 -15.32
CAM QPP D . 20.21 -4.69 -16.36
CAN QPP D . 21.58 -4.90 -16.14
CAO QPP D . 22.03 -5.26 -14.87
CAP QPP D . 21.11 -5.40 -13.81
C2 QPP D . 21.55 -5.71 -12.53
N1 QPP D . 20.71 -6.29 -11.63
N3 QPP D . 22.82 -5.39 -12.20
C4 QPP D . 23.29 -5.61 -10.95
CAA QPP D . 24.60 -5.26 -10.64
CAB QPP D . 25.14 -5.50 -9.38
CAC QPP D . 24.32 -6.09 -8.42
CAD QPP D . 23.00 -6.45 -8.72
C5 QPP D . 22.46 -6.22 -10.01
C6 QPP D . 21.13 -6.56 -10.37
NAQ QPP D . 20.30 -7.11 -9.46
CAR QPP D . 19.03 -7.51 -9.67
CAV QPP D . 18.33 -7.73 -10.79
CAU QPP D . 17.14 -8.13 -10.34
CAW QPP D . 15.91 -8.51 -11.19
NAT QPP D . 17.12 -8.17 -9.00
NAS QPP D . 18.25 -7.81 -8.63
#